data_5CD8
#
_entry.id   5CD8
#
_cell.length_a   66.951
_cell.length_b   66.951
_cell.length_c   112.831
_cell.angle_alpha   90.000
_cell.angle_beta   90.000
_cell.angle_gamma   120.000
#
_symmetry.space_group_name_H-M   'P 32'
#
loop_
_entity.id
_entity.type
_entity.pdbx_description
1 polymer 'Maternal effect protein oskar'
2 non-polymer GLYCEROL
3 water water
#
_entity_poly.entity_id   1
_entity_poly.type   'polypeptide(L)'
_entity_poly.pdbx_seq_one_letter_code
;GSREEYPDIDSEVRAILLSHAQNGITISSIKSEYRKLTGNPFPLHDNVTDFLLTIPNVTAECSESGKRIFNLKASLKNGH
LLDMVLNQKERTS
;
_entity_poly.pdbx_strand_id   A,B,C,D,E,F
#
# COMPACT_ATOMS: atom_id res chain seq x y z
N GLY A 1 -6.45 8.99 -14.05
CA GLY A 1 -5.75 8.18 -13.07
C GLY A 1 -4.96 9.01 -12.07
N SER A 2 -3.66 8.74 -11.98
CA SER A 2 -2.74 9.70 -11.38
C SER A 2 -2.36 10.70 -12.49
N ARG A 3 -2.77 10.36 -13.71
CA ARG A 3 -2.70 11.26 -14.85
C ARG A 3 -3.44 12.54 -14.52
N GLU A 4 -4.29 12.46 -13.50
CA GLU A 4 -5.05 13.62 -13.05
C GLU A 4 -4.10 14.70 -12.56
N GLU A 5 -3.16 14.29 -11.72
CA GLU A 5 -2.18 15.21 -11.16
C GLU A 5 -1.02 15.51 -12.10
N TYR A 6 -0.56 14.51 -12.83
CA TYR A 6 0.64 14.67 -13.64
C TYR A 6 0.38 14.70 -15.15
N PRO A 7 0.54 15.89 -15.76
CA PRO A 7 -0.01 16.14 -17.09
C PRO A 7 0.55 15.24 -18.18
N ASP A 8 1.87 15.09 -18.22
CA ASP A 8 2.50 14.29 -19.28
C ASP A 8 2.90 12.86 -18.93
N ILE A 9 2.57 12.44 -17.71
CA ILE A 9 2.98 11.14 -17.15
C ILE A 9 2.67 9.93 -18.06
N ASP A 10 1.43 9.89 -18.55
CA ASP A 10 1.02 8.87 -19.50
C ASP A 10 2.03 8.77 -20.64
N SER A 11 2.09 9.80 -21.49
CA SER A 11 2.94 9.80 -22.67
C SER A 11 4.44 9.63 -22.39
N GLU A 12 4.89 10.12 -21.23
CA GLU A 12 6.27 9.91 -20.79
C GLU A 12 6.57 8.43 -20.59
N VAL A 13 5.77 7.79 -19.73
CA VAL A 13 5.97 6.38 -19.41
C VAL A 13 5.79 5.48 -20.62
N ARG A 14 4.79 5.80 -21.45
CA ARG A 14 4.60 5.06 -22.68
C ARG A 14 5.81 5.25 -23.61
N ALA A 15 6.40 6.45 -23.62
CA ALA A 15 7.59 6.69 -24.43
C ALA A 15 8.71 5.77 -23.97
N ILE A 16 8.91 5.71 -22.66
CA ILE A 16 9.90 4.79 -22.08
C ILE A 16 9.65 3.30 -22.41
N LEU A 17 8.40 2.88 -22.31
CA LEU A 17 8.05 1.52 -22.68
C LEU A 17 8.42 1.27 -24.13
N LEU A 18 7.86 2.12 -25.00
CA LEU A 18 8.08 2.04 -26.43
C LEU A 18 9.56 1.92 -26.77
N SER A 19 10.39 2.75 -26.12
CA SER A 19 11.83 2.62 -26.28
C SER A 19 12.30 1.23 -25.87
N HIS A 20 11.73 0.72 -24.76
CA HIS A 20 12.12 -0.59 -24.20
C HIS A 20 11.33 -1.84 -24.60
N ALA A 21 10.44 -1.70 -25.57
CA ALA A 21 9.49 -2.75 -25.92
C ALA A 21 10.13 -4.08 -26.33
N GLN A 22 11.44 -4.09 -26.54
CA GLN A 22 12.12 -5.33 -26.95
C GLN A 22 12.29 -6.33 -25.81
N ASN A 23 13.09 -5.95 -24.80
CA ASN A 23 13.30 -6.82 -23.64
C ASN A 23 12.42 -6.51 -22.42
N GLY A 24 11.61 -5.47 -22.51
CA GLY A 24 10.83 -5.04 -21.36
C GLY A 24 11.74 -4.39 -20.32
N ILE A 25 11.14 -3.83 -19.28
CA ILE A 25 11.90 -3.02 -18.33
C ILE A 25 11.35 -3.11 -16.89
N THR A 26 12.26 -3.01 -15.91
CA THR A 26 11.88 -3.01 -14.51
C THR A 26 11.27 -1.67 -14.13
N ILE A 27 10.91 -1.52 -12.86
CA ILE A 27 10.38 -0.27 -12.35
C ILE A 27 11.47 0.77 -12.03
N SER A 28 12.58 0.33 -11.46
CA SER A 28 13.66 1.26 -11.12
C SER A 28 14.31 1.80 -12.40
N SER A 29 14.38 0.96 -13.43
CA SER A 29 14.89 1.39 -14.73
C SER A 29 13.94 2.41 -15.33
N ILE A 30 12.64 2.17 -15.15
CA ILE A 30 11.62 3.09 -15.64
C ILE A 30 11.76 4.44 -14.94
N LYS A 31 12.13 4.41 -13.66
CA LYS A 31 12.25 5.63 -12.88
C LYS A 31 13.48 6.41 -13.32
N SER A 32 14.62 5.73 -13.38
CA SER A 32 15.87 6.40 -13.74
C SER A 32 15.81 6.91 -15.19
N GLU A 33 15.10 6.17 -16.03
CA GLU A 33 14.81 6.63 -17.38
C GLU A 33 13.98 7.90 -17.32
N TYR A 34 12.84 7.85 -16.65
CA TYR A 34 11.98 9.03 -16.57
C TYR A 34 12.76 10.24 -16.10
N ARG A 35 13.71 10.02 -15.21
CA ARG A 35 14.56 11.11 -14.75
C ARG A 35 15.45 11.61 -15.87
N LYS A 36 16.13 10.69 -16.53
CA LYS A 36 17.06 11.04 -17.59
C LYS A 36 16.35 11.82 -18.71
N LEU A 37 15.10 11.43 -18.95
CA LEU A 37 14.26 11.96 -20.01
C LEU A 37 13.62 13.29 -19.65
N THR A 38 13.08 13.42 -18.45
CA THR A 38 12.48 14.68 -18.02
C THR A 38 13.41 15.54 -17.19
N GLY A 39 14.60 15.03 -16.88
CA GLY A 39 15.48 15.71 -15.95
C GLY A 39 14.81 15.90 -14.60
N ASN A 40 13.71 15.18 -14.37
CA ASN A 40 12.93 15.30 -13.14
C ASN A 40 12.71 13.96 -12.44
N PRO A 41 12.33 13.99 -11.15
CA PRO A 41 12.10 12.78 -10.35
C PRO A 41 10.82 12.11 -10.76
N PHE A 42 10.76 10.78 -10.65
CA PHE A 42 9.52 10.06 -10.91
C PHE A 42 8.48 10.41 -9.85
N PRO A 43 7.34 10.96 -10.28
CA PRO A 43 6.29 11.51 -9.43
C PRO A 43 5.60 10.50 -8.54
N LEU A 44 5.31 9.31 -9.06
CA LEU A 44 4.55 8.30 -8.30
C LEU A 44 5.38 7.67 -7.19
N HIS A 45 4.71 7.36 -6.09
CA HIS A 45 5.39 6.78 -4.93
C HIS A 45 4.85 5.40 -4.61
N ASP A 46 3.56 5.32 -4.25
CA ASP A 46 2.94 4.07 -3.88
C ASP A 46 2.04 3.54 -5.00
N ASN A 47 1.95 2.21 -5.11
CA ASN A 47 1.04 1.56 -6.06
C ASN A 47 1.32 1.80 -7.55
N VAL A 48 2.58 1.71 -7.94
CA VAL A 48 2.97 1.94 -9.34
C VAL A 48 2.48 0.85 -10.31
N THR A 49 2.46 -0.38 -9.83
CA THR A 49 2.12 -1.53 -10.67
C THR A 49 0.71 -1.46 -11.23
N ASP A 50 -0.25 -1.10 -10.39
CA ASP A 50 -1.61 -0.95 -10.86
CA ASP A 50 -1.62 -0.93 -10.86
C ASP A 50 -1.63 0.15 -11.91
N PHE A 51 -0.85 1.21 -11.68
CA PHE A 51 -0.76 2.30 -12.62
C PHE A 51 -0.37 1.77 -13.99
N LEU A 52 0.85 1.25 -14.08
CA LEU A 52 1.34 0.73 -15.35
C LEU A 52 0.36 -0.24 -15.99
N LEU A 53 -0.34 -1.04 -15.17
CA LEU A 53 -1.29 -2.01 -15.71
C LEU A 53 -2.57 -1.33 -16.23
N THR A 54 -2.75 -0.08 -15.83
CA THR A 54 -3.83 0.73 -16.40
C THR A 54 -3.54 1.21 -17.81
N ILE A 55 -2.26 1.32 -18.15
CA ILE A 55 -1.85 1.76 -19.48
C ILE A 55 -2.17 0.72 -20.55
N PRO A 56 -2.93 1.12 -21.58
CA PRO A 56 -3.28 0.23 -22.69
C PRO A 56 -2.08 -0.44 -23.35
N ASN A 57 -2.18 -1.76 -23.54
CA ASN A 57 -1.16 -2.56 -24.22
C ASN A 57 0.05 -2.96 -23.35
N VAL A 58 0.07 -2.52 -22.10
CA VAL A 58 1.09 -2.98 -21.14
C VAL A 58 0.85 -4.39 -20.52
N THR A 59 1.95 -5.12 -20.31
CA THR A 59 1.95 -6.42 -19.66
C THR A 59 3.07 -6.56 -18.62
N ALA A 60 2.69 -6.78 -17.36
CA ALA A 60 3.62 -7.16 -16.29
C ALA A 60 3.87 -8.65 -16.26
N GLU A 61 5.06 -9.04 -15.85
CA GLU A 61 5.38 -10.46 -15.71
C GLU A 61 6.39 -10.70 -14.60
N CYS A 62 6.41 -11.92 -14.06
CA CYS A 62 7.42 -12.26 -13.09
C CYS A 62 8.44 -13.19 -13.73
N SER A 63 9.66 -12.70 -13.93
CA SER A 63 10.71 -13.52 -14.52
C SER A 63 11.07 -14.64 -13.55
N GLU A 64 11.68 -15.72 -14.05
CA GLU A 64 12.10 -16.80 -13.16
C GLU A 64 13.15 -16.29 -12.18
N SER A 65 13.69 -15.11 -12.47
CA SER A 65 14.67 -14.46 -11.61
C SER A 65 13.98 -13.77 -10.42
N GLY A 66 12.66 -13.59 -10.52
CA GLY A 66 11.90 -12.92 -9.49
C GLY A 66 11.59 -11.48 -9.84
N LYS A 67 12.23 -11.01 -10.92
CA LYS A 67 12.06 -9.64 -11.41
C LYS A 67 10.66 -9.39 -11.95
N ARG A 68 10.15 -8.20 -11.68
CA ARG A 68 8.88 -7.79 -12.25
C ARG A 68 9.12 -6.91 -13.49
N ILE A 69 8.79 -7.47 -14.65
CA ILE A 69 9.14 -6.90 -15.94
C ILE A 69 7.91 -6.47 -16.72
N PHE A 70 7.88 -5.17 -17.01
CA PHE A 70 6.82 -4.55 -17.77
C PHE A 70 7.21 -4.46 -19.23
N ASN A 71 6.21 -4.57 -20.11
CA ASN A 71 6.44 -4.50 -21.54
C ASN A 71 5.15 -4.14 -22.29
N LEU A 72 5.19 -4.15 -23.61
CA LEU A 72 4.01 -3.84 -24.38
C LEU A 72 3.50 -5.13 -24.99
N LYS A 73 2.19 -5.31 -25.04
CA LYS A 73 1.64 -6.57 -25.54
C LYS A 73 2.28 -6.84 -26.90
N ALA A 74 2.81 -8.05 -27.06
CA ALA A 74 3.46 -8.44 -28.29
C ALA A 74 2.45 -8.43 -29.44
N SER A 75 2.91 -8.00 -30.60
CA SER A 75 2.07 -7.92 -31.79
C SER A 75 2.21 -9.19 -32.64
N LEU A 76 1.10 -9.91 -32.80
CA LEU A 76 1.11 -11.19 -33.50
C LEU A 76 1.16 -11.03 -35.02
N GLY B 1 4.30 -13.35 2.45
CA GLY B 1 3.57 -12.92 3.63
C GLY B 1 2.35 -13.78 3.89
N SER B 2 1.61 -14.06 2.83
CA SER B 2 0.47 -14.97 2.88
C SER B 2 0.96 -16.41 3.03
N ARG B 3 2.17 -16.66 2.53
CA ARG B 3 2.74 -18.00 2.57
C ARG B 3 2.88 -18.48 4.01
N GLU B 4 2.73 -17.57 4.96
CA GLU B 4 2.66 -17.92 6.38
C GLU B 4 1.56 -18.97 6.59
N GLU B 5 0.34 -18.59 6.26
CA GLU B 5 -0.82 -19.49 6.33
C GLU B 5 -0.77 -20.63 5.32
N TYR B 6 -0.54 -20.29 4.05
CA TYR B 6 -0.65 -21.26 2.97
C TYR B 6 0.67 -21.51 2.25
N PRO B 7 1.52 -22.36 2.81
CA PRO B 7 2.82 -22.67 2.22
C PRO B 7 2.72 -23.19 0.79
N ASP B 8 1.54 -23.65 0.38
CA ASP B 8 1.33 -24.11 -0.98
C ASP B 8 0.69 -23.09 -1.92
N ILE B 9 0.48 -21.87 -1.45
CA ILE B 9 -0.30 -20.89 -2.21
C ILE B 9 0.25 -20.62 -3.63
N ASP B 10 1.57 -20.56 -3.76
CA ASP B 10 2.21 -20.46 -5.08
C ASP B 10 1.70 -21.56 -5.99
N SER B 11 1.77 -22.80 -5.52
CA SER B 11 1.42 -23.97 -6.33
C SER B 11 -0.09 -24.12 -6.57
N GLU B 12 -0.88 -23.84 -5.54
CA GLU B 12 -2.32 -23.81 -5.72
C GLU B 12 -2.69 -22.83 -6.83
N VAL B 13 -2.10 -21.63 -6.76
CA VAL B 13 -2.39 -20.59 -7.75
C VAL B 13 -1.89 -20.94 -9.16
N ARG B 14 -0.65 -21.42 -9.27
CA ARG B 14 -0.19 -21.91 -10.56
C ARG B 14 -1.21 -22.91 -11.08
N ALA B 15 -1.79 -23.71 -10.19
CA ALA B 15 -2.74 -24.74 -10.63
C ALA B 15 -3.99 -24.11 -11.23
N ILE B 16 -4.44 -23.02 -10.61
CA ILE B 16 -5.61 -22.29 -11.10
C ILE B 16 -5.39 -21.66 -12.46
N LEU B 17 -4.22 -21.06 -12.63
CA LEU B 17 -3.88 -20.44 -13.91
C LEU B 17 -3.74 -21.51 -14.97
N LEU B 18 -2.90 -22.49 -14.69
CA LEU B 18 -2.67 -23.62 -15.58
C LEU B 18 -4.01 -24.13 -16.06
N SER B 19 -4.96 -24.17 -15.13
CA SER B 19 -6.33 -24.55 -15.41
C SER B 19 -6.95 -23.60 -16.43
N HIS B 20 -6.82 -22.29 -16.18
CA HIS B 20 -7.45 -21.27 -17.04
C HIS B 20 -6.63 -20.69 -18.19
N ALA B 21 -5.45 -21.25 -18.43
CA ALA B 21 -4.46 -20.67 -19.33
C ALA B 21 -4.90 -20.35 -20.77
N GLN B 22 -5.98 -20.94 -21.27
CA GLN B 22 -6.40 -20.60 -22.63
C GLN B 22 -6.79 -19.14 -22.75
N ASN B 23 -7.77 -18.71 -21.96
CA ASN B 23 -8.21 -17.31 -21.95
C ASN B 23 -7.67 -16.45 -20.79
N GLY B 24 -6.96 -17.07 -19.86
CA GLY B 24 -6.48 -16.33 -18.71
C GLY B 24 -7.66 -15.99 -17.82
N ILE B 25 -7.40 -15.64 -16.57
CA ILE B 25 -8.45 -15.56 -15.58
C ILE B 25 -8.38 -14.27 -14.78
N THR B 26 -9.54 -13.76 -14.38
CA THR B 26 -9.58 -12.54 -13.60
C THR B 26 -9.23 -12.82 -12.16
N ILE B 27 -9.19 -11.78 -11.33
CA ILE B 27 -8.92 -11.98 -9.92
C ILE B 27 -10.12 -12.61 -9.23
N SER B 28 -11.29 -12.00 -9.36
CA SER B 28 -12.48 -12.53 -8.68
C SER B 28 -12.68 -13.99 -9.05
N SER B 29 -12.41 -14.29 -10.32
CA SER B 29 -12.53 -15.65 -10.82
C SER B 29 -11.44 -16.53 -10.24
N ILE B 30 -10.32 -15.92 -9.88
CA ILE B 30 -9.24 -16.66 -9.24
C ILE B 30 -9.63 -17.01 -7.80
N LYS B 31 -10.13 -16.01 -7.09
CA LYS B 31 -10.61 -16.19 -5.73
C LYS B 31 -11.63 -17.33 -5.70
N SER B 32 -12.62 -17.25 -6.59
CA SER B 32 -13.64 -18.28 -6.65
C SER B 32 -13.02 -19.66 -6.95
N GLU B 33 -12.18 -19.72 -7.98
CA GLU B 33 -11.55 -20.97 -8.36
C GLU B 33 -10.76 -21.58 -7.21
N TYR B 34 -10.27 -20.73 -6.32
CA TYR B 34 -9.42 -21.18 -5.23
C TYR B 34 -10.26 -21.74 -4.09
N ARG B 35 -11.35 -21.05 -3.76
CA ARG B 35 -12.34 -21.61 -2.87
C ARG B 35 -12.60 -23.03 -3.34
N LYS B 36 -13.13 -23.12 -4.55
CA LYS B 36 -13.48 -24.39 -5.13
C LYS B 36 -12.32 -25.39 -5.24
N LEU B 37 -11.10 -24.90 -5.30
CA LEU B 37 -9.95 -25.82 -5.41
C LEU B 37 -9.49 -26.41 -4.08
N THR B 38 -9.32 -25.53 -3.10
CA THR B 38 -8.71 -25.88 -1.83
C THR B 38 -9.73 -26.17 -0.74
N GLY B 39 -10.98 -25.84 -1.01
CA GLY B 39 -12.00 -25.82 0.03
C GLY B 39 -11.92 -24.59 0.91
N ASN B 40 -10.87 -23.80 0.71
CA ASN B 40 -10.68 -22.59 1.51
C ASN B 40 -10.78 -21.33 0.68
N PRO B 41 -11.06 -20.19 1.34
CA PRO B 41 -11.22 -18.91 0.65
C PRO B 41 -9.87 -18.31 0.30
N PHE B 42 -9.80 -17.56 -0.79
CA PHE B 42 -8.54 -16.94 -1.15
C PHE B 42 -8.22 -15.87 -0.10
N PRO B 43 -7.05 -16.01 0.55
CA PRO B 43 -6.67 -15.23 1.74
C PRO B 43 -6.43 -13.73 1.52
N LEU B 44 -6.12 -13.32 0.29
CA LEU B 44 -5.77 -11.92 0.05
C LEU B 44 -6.95 -10.99 -0.24
N HIS B 45 -6.98 -9.87 0.46
CA HIS B 45 -8.05 -8.87 0.33
C HIS B 45 -7.71 -7.88 -0.79
N ASP B 46 -6.63 -7.14 -0.59
CA ASP B 46 -6.18 -6.18 -1.60
C ASP B 46 -4.70 -6.32 -1.90
N ASN B 47 -4.26 -5.65 -2.95
CA ASN B 47 -2.92 -5.88 -3.50
C ASN B 47 -2.78 -7.35 -3.85
N VAL B 48 -3.85 -7.92 -4.38
CA VAL B 48 -3.81 -9.26 -4.94
C VAL B 48 -2.82 -9.31 -6.09
N THR B 49 -2.83 -8.26 -6.91
CA THR B 49 -1.98 -8.20 -8.09
C THR B 49 -0.51 -8.21 -7.71
N ASP B 50 -0.18 -7.35 -6.75
CA ASP B 50 1.19 -7.22 -6.31
C ASP B 50 1.70 -8.57 -5.82
N PHE B 51 0.80 -9.34 -5.21
CA PHE B 51 1.15 -10.66 -4.67
C PHE B 51 1.31 -11.69 -5.76
N LEU B 52 0.37 -11.68 -6.71
CA LEU B 52 0.35 -12.64 -7.80
C LEU B 52 1.58 -12.51 -8.70
N LEU B 53 2.06 -11.28 -8.86
CA LEU B 53 3.21 -11.03 -9.71
C LEU B 53 4.50 -11.36 -8.98
N THR B 54 4.34 -11.84 -7.75
CA THR B 54 5.43 -12.42 -6.97
C THR B 54 5.73 -13.86 -7.36
N ILE B 55 4.68 -14.57 -7.76
CA ILE B 55 4.80 -15.94 -8.22
C ILE B 55 5.43 -16.00 -9.61
N PRO B 56 6.58 -16.66 -9.74
CA PRO B 56 7.29 -16.72 -11.02
C PRO B 56 6.43 -17.20 -12.20
N ASN B 57 6.61 -16.51 -13.33
CA ASN B 57 5.95 -16.83 -14.60
C ASN B 57 4.50 -16.37 -14.72
N VAL B 58 3.97 -15.81 -13.64
CA VAL B 58 2.62 -15.23 -13.66
C VAL B 58 2.65 -13.91 -14.41
N THR B 59 1.71 -13.78 -15.35
CA THR B 59 1.64 -12.62 -16.23
C THR B 59 0.29 -11.95 -16.05
N ALA B 60 0.27 -10.64 -16.29
CA ALA B 60 -0.93 -9.84 -16.10
C ALA B 60 -1.13 -8.90 -17.27
N GLU B 61 -2.38 -8.46 -17.48
CA GLU B 61 -2.68 -7.49 -18.51
C GLU B 61 -4.17 -7.20 -18.60
N CYS B 62 -4.56 -6.06 -19.19
CA CYS B 62 -5.99 -5.80 -19.37
C CYS B 62 -6.51 -6.42 -20.66
N SER B 63 -7.66 -7.10 -20.56
CA SER B 63 -8.26 -7.82 -21.66
C SER B 63 -8.97 -6.89 -22.62
N GLU B 64 -9.68 -7.47 -23.58
CA GLU B 64 -10.49 -6.68 -24.51
C GLU B 64 -11.52 -5.89 -23.73
N SER B 65 -11.96 -6.46 -22.61
CA SER B 65 -12.94 -5.83 -21.74
C SER B 65 -12.28 -4.84 -20.78
N GLY B 66 -10.95 -4.76 -20.85
CA GLY B 66 -10.20 -3.84 -20.01
C GLY B 66 -10.08 -4.35 -18.59
N LYS B 67 -10.45 -5.61 -18.39
CA LYS B 67 -10.34 -6.29 -17.10
C LYS B 67 -8.92 -6.81 -16.91
N ARG B 68 -8.40 -6.71 -15.70
CA ARG B 68 -7.06 -7.24 -15.43
C ARG B 68 -7.06 -8.76 -15.37
N ILE B 69 -6.06 -9.37 -16.00
CA ILE B 69 -6.09 -10.78 -16.32
C ILE B 69 -4.73 -11.48 -16.21
N PHE B 70 -4.75 -12.66 -15.58
CA PHE B 70 -3.52 -13.36 -15.20
C PHE B 70 -3.38 -14.72 -15.87
N ASN B 71 -2.14 -15.16 -16.03
CA ASN B 71 -1.85 -16.38 -16.80
C ASN B 71 -0.38 -16.77 -16.59
N LEU B 72 0.13 -17.74 -17.33
CA LEU B 72 1.56 -18.09 -17.21
C LEU B 72 2.27 -17.99 -18.55
N LYS B 73 3.58 -18.21 -18.59
CA LYS B 73 4.33 -17.79 -19.79
C LYS B 73 4.23 -18.69 -21.02
N ALA B 74 3.87 -18.07 -22.16
CA ALA B 74 3.78 -18.76 -23.44
C ALA B 74 5.08 -18.62 -24.25
N GLY C 1 -7.41 -10.40 23.75
CA GLY C 1 -7.84 -10.39 22.35
C GLY C 1 -8.25 -11.77 21.88
N SER C 2 -7.31 -12.51 21.32
CA SER C 2 -7.58 -13.86 20.83
C SER C 2 -7.32 -14.94 21.89
N ARG C 3 -6.70 -14.55 22.99
CA ARG C 3 -6.44 -15.48 24.09
C ARG C 3 -7.68 -15.69 24.94
N GLU C 4 -8.54 -14.66 25.01
CA GLU C 4 -9.79 -14.75 25.76
C GLU C 4 -10.78 -15.65 25.02
N GLU C 5 -10.57 -15.77 23.71
CA GLU C 5 -11.34 -16.69 22.88
C GLU C 5 -10.95 -18.16 23.15
N TYR C 6 -9.66 -18.46 22.99
CA TYR C 6 -9.14 -19.80 23.23
C TYR C 6 -8.34 -19.82 24.53
N PRO C 7 -8.85 -20.51 25.56
CA PRO C 7 -8.26 -20.41 26.90
C PRO C 7 -6.80 -20.86 26.98
N ASP C 8 -6.51 -22.04 26.44
CA ASP C 8 -5.20 -22.66 26.65
C ASP C 8 -4.22 -22.38 25.51
N ILE C 9 -4.66 -21.66 24.49
CA ILE C 9 -3.83 -21.39 23.32
C ILE C 9 -2.45 -20.88 23.74
N ASP C 10 -2.45 -19.96 24.69
CA ASP C 10 -1.22 -19.39 25.22
C ASP C 10 -0.35 -20.49 25.79
N SER C 11 -0.88 -21.21 26.77
CA SER C 11 -0.13 -22.27 27.44
C SER C 11 0.35 -23.34 26.45
N GLU C 12 -0.53 -23.75 25.55
CA GLU C 12 -0.19 -24.73 24.50
C GLU C 12 1.01 -24.29 23.66
N VAL C 13 0.85 -23.16 22.99
CA VAL C 13 1.94 -22.61 22.20
C VAL C 13 3.24 -22.52 23.01
N ARG C 14 3.12 -22.02 24.23
CA ARG C 14 4.29 -21.94 25.12
C ARG C 14 4.94 -23.31 25.33
N ALA C 15 4.12 -24.36 25.42
CA ALA C 15 4.64 -25.72 25.57
C ALA C 15 5.43 -26.11 24.32
N ILE C 16 4.87 -25.78 23.16
CA ILE C 16 5.55 -26.04 21.89
C ILE C 16 6.91 -25.36 21.83
N LEU C 17 6.93 -24.10 22.22
CA LEU C 17 8.15 -23.30 22.22
C LEU C 17 9.19 -23.86 23.19
N LEU C 18 8.73 -24.18 24.40
CA LEU C 18 9.64 -24.66 25.42
C LEU C 18 10.19 -26.03 25.04
N SER C 19 9.45 -26.76 24.21
CA SER C 19 9.96 -28.01 23.66
C SER C 19 11.04 -27.70 22.63
N HIS C 20 10.78 -26.72 21.77
CA HIS C 20 11.67 -26.40 20.65
C HIS C 20 12.69 -25.31 20.92
N ALA C 21 12.81 -24.92 22.19
CA ALA C 21 13.63 -23.77 22.58
C ALA C 21 15.08 -23.87 22.09
N GLN C 22 15.48 -25.06 21.65
CA GLN C 22 16.84 -25.29 21.20
C GLN C 22 17.10 -24.70 19.80
N ASN C 23 16.47 -25.31 18.81
CA ASN C 23 16.70 -24.93 17.42
C ASN C 23 15.73 -23.91 16.86
N GLY C 24 14.84 -23.39 17.72
CA GLY C 24 13.83 -22.44 17.27
C GLY C 24 12.76 -23.16 16.47
N ILE C 25 11.68 -22.48 16.14
CA ILE C 25 10.60 -23.11 15.37
C ILE C 25 9.82 -22.15 14.45
N THR C 26 9.46 -22.64 13.27
CA THR C 26 8.65 -21.89 12.31
C THR C 26 7.16 -21.97 12.60
N ILE C 27 6.42 -20.98 12.15
CA ILE C 27 4.95 -20.96 12.26
C ILE C 27 4.31 -22.25 11.77
N SER C 28 4.77 -22.77 10.64
CA SER C 28 4.20 -24.00 10.09
C SER C 28 4.40 -25.18 11.04
N SER C 29 5.64 -25.38 11.49
CA SER C 29 5.96 -26.42 12.46
C SER C 29 5.19 -26.21 13.75
N ILE C 30 4.86 -24.96 14.07
CA ILE C 30 4.02 -24.70 15.22
C ILE C 30 2.60 -25.20 14.99
N LYS C 31 2.00 -24.80 13.87
CA LYS C 31 0.65 -25.26 13.53
C LYS C 31 0.58 -26.79 13.61
N SER C 32 1.62 -27.43 13.09
CA SER C 32 1.68 -28.90 13.10
C SER C 32 1.78 -29.43 14.53
N GLU C 33 2.71 -28.88 15.32
CA GLU C 33 2.84 -29.30 16.70
C GLU C 33 1.52 -29.12 17.45
N TYR C 34 0.71 -28.18 17.00
CA TYR C 34 -0.56 -27.91 17.66
C TYR C 34 -1.63 -28.92 17.28
N ARG C 35 -1.71 -29.26 15.99
CA ARG C 35 -2.65 -30.29 15.57
C ARG C 35 -2.25 -31.63 16.17
N LYS C 36 -0.96 -31.83 16.36
CA LYS C 36 -0.48 -33.06 16.98
C LYS C 36 -0.81 -33.07 18.47
N LEU C 37 -0.44 -32.00 19.16
CA LEU C 37 -0.62 -31.91 20.59
C LEU C 37 -2.09 -31.92 21.02
N THR C 38 -2.89 -31.03 20.45
CA THR C 38 -4.29 -30.93 20.88
C THR C 38 -5.27 -31.69 19.99
N GLY C 39 -4.78 -32.27 18.90
CA GLY C 39 -5.63 -32.97 17.95
C GLY C 39 -6.37 -31.99 17.06
N ASN C 40 -6.35 -30.72 17.48
CA ASN C 40 -7.01 -29.64 16.75
C ASN C 40 -6.04 -28.78 15.94
N PRO C 41 -6.40 -28.52 14.66
CA PRO C 41 -5.60 -27.61 13.83
C PRO C 41 -5.44 -26.27 14.54
N PHE C 42 -4.36 -25.56 14.23
CA PHE C 42 -4.11 -24.25 14.82
C PHE C 42 -5.23 -23.28 14.45
N PRO C 43 -5.87 -22.70 15.48
CA PRO C 43 -7.12 -21.92 15.41
C PRO C 43 -6.97 -20.56 14.75
N LEU C 44 -5.78 -19.98 14.79
CA LEU C 44 -5.57 -18.62 14.28
C LEU C 44 -4.80 -18.57 12.96
N HIS C 45 -5.15 -17.59 12.13
CA HIS C 45 -4.51 -17.44 10.83
C HIS C 45 -3.94 -16.04 10.66
N ASP C 46 -4.80 -15.03 10.74
CA ASP C 46 -4.35 -13.64 10.68
C ASP C 46 -3.23 -13.37 11.69
N ASN C 47 -2.16 -12.76 11.19
CA ASN C 47 -1.06 -12.29 12.04
C ASN C 47 -0.68 -13.26 13.15
N VAL C 48 -0.16 -14.43 12.76
CA VAL C 48 0.36 -15.36 13.75
C VAL C 48 1.62 -14.76 14.36
N THR C 49 2.47 -14.20 13.51
CA THR C 49 3.72 -13.57 13.92
C THR C 49 3.48 -12.60 15.05
N ASP C 50 2.56 -11.67 14.81
CA ASP C 50 2.21 -10.66 15.78
C ASP C 50 1.82 -11.31 17.09
N PHE C 51 0.92 -12.29 16.99
CA PHE C 51 0.41 -13.01 18.15
C PHE C 51 1.55 -13.57 18.98
N LEU C 52 2.43 -14.34 18.34
CA LEU C 52 3.57 -14.91 19.00
C LEU C 52 4.42 -13.87 19.71
N LEU C 53 4.65 -12.73 19.07
CA LEU C 53 5.46 -11.71 19.73
C LEU C 53 4.71 -11.09 20.91
N THR C 54 3.39 -11.22 20.88
CA THR C 54 2.55 -10.78 21.99
C THR C 54 2.68 -11.74 23.19
N ILE C 55 3.40 -12.85 22.99
CA ILE C 55 3.74 -13.77 24.06
C ILE C 55 5.08 -13.38 24.69
N PRO C 56 5.17 -13.42 26.03
CA PRO C 56 6.39 -13.06 26.77
C PRO C 56 7.61 -13.92 26.44
N ASN C 57 8.79 -13.30 26.41
CA ASN C 57 10.05 -14.02 26.25
C ASN C 57 10.26 -14.62 24.85
N VAL C 58 9.26 -14.47 23.99
CA VAL C 58 9.37 -14.91 22.60
C VAL C 58 10.24 -13.96 21.77
N THR C 59 11.01 -14.53 20.85
CA THR C 59 11.89 -13.75 19.97
C THR C 59 11.85 -14.29 18.54
N ALA C 60 11.53 -13.42 17.59
CA ALA C 60 11.49 -13.81 16.18
C ALA C 60 12.78 -13.36 15.45
N GLU C 61 13.22 -14.18 14.50
CA GLU C 61 14.41 -13.82 13.75
C GLU C 61 14.34 -14.30 12.30
N CYS C 62 15.14 -13.65 11.44
CA CYS C 62 15.33 -14.13 10.08
C CYS C 62 16.67 -14.83 9.99
N SER C 63 16.65 -16.10 9.58
CA SER C 63 17.90 -16.86 9.47
C SER C 63 18.68 -16.39 8.24
N GLU C 64 19.85 -17.01 8.02
CA GLU C 64 20.63 -16.74 6.82
C GLU C 64 19.78 -17.07 5.59
N SER C 65 18.84 -17.99 5.77
CA SER C 65 17.99 -18.48 4.69
C SER C 65 16.66 -17.71 4.60
N GLY C 66 16.51 -16.68 5.42
CA GLY C 66 15.30 -15.87 5.39
C GLY C 66 14.14 -16.47 6.16
N LYS C 67 14.38 -17.63 6.79
CA LYS C 67 13.36 -18.28 7.60
C LYS C 67 12.98 -17.49 8.83
N ARG C 68 11.68 -17.41 9.11
CA ARG C 68 11.20 -16.73 10.30
C ARG C 68 11.11 -17.72 11.47
N ILE C 69 11.91 -17.47 12.49
CA ILE C 69 12.16 -18.43 13.55
C ILE C 69 11.91 -17.82 14.93
N PHE C 70 10.90 -18.37 15.62
CA PHE C 70 10.50 -17.90 16.94
C PHE C 70 11.13 -18.79 18.03
N ASN C 71 11.48 -18.18 19.17
CA ASN C 71 12.21 -18.89 20.21
C ASN C 71 12.13 -18.18 21.56
N LEU C 72 12.92 -18.65 22.53
CA LEU C 72 12.88 -18.11 23.88
C LEU C 72 14.14 -17.33 24.25
N LYS C 73 13.94 -16.20 24.90
CA LYS C 73 15.05 -15.40 25.41
C LYS C 73 15.95 -16.25 26.28
N ALA C 74 17.26 -15.99 26.21
CA ALA C 74 18.22 -16.69 27.07
C ALA C 74 18.59 -15.84 28.29
N GLY D 1 3.46 -4.10 -1.16
CA GLY D 1 4.51 -3.62 -2.04
C GLY D 1 5.34 -2.52 -1.42
N SER D 2 6.62 -2.78 -1.23
CA SER D 2 7.50 -1.84 -0.54
C SER D 2 8.79 -1.53 -1.30
N ARG D 3 9.60 -2.56 -1.54
CA ARG D 3 10.96 -2.40 -2.03
C ARG D 3 11.13 -1.45 -3.21
N GLU D 4 10.34 -1.62 -4.26
CA GLU D 4 10.52 -0.81 -5.47
C GLU D 4 10.40 0.70 -5.23
N GLU D 5 9.73 1.07 -4.15
CA GLU D 5 9.63 2.47 -3.75
C GLU D 5 10.94 2.95 -3.10
N TYR D 6 11.60 2.03 -2.41
CA TYR D 6 12.89 2.29 -1.79
C TYR D 6 13.78 1.07 -1.94
N PRO D 7 14.35 0.88 -3.13
CA PRO D 7 15.11 -0.34 -3.44
C PRO D 7 16.26 -0.58 -2.45
N ASP D 8 16.62 0.45 -1.68
CA ASP D 8 17.64 0.33 -0.63
C ASP D 8 17.13 0.18 0.81
N ILE D 9 15.80 0.09 0.99
CA ILE D 9 15.16 0.11 2.31
C ILE D 9 15.79 -0.85 3.33
N ASP D 10 16.23 -2.01 2.86
CA ASP D 10 16.98 -2.92 3.74
C ASP D 10 18.15 -2.16 4.32
N SER D 11 19.13 -1.89 3.47
CA SER D 11 20.40 -1.30 3.88
C SER D 11 20.21 0.06 4.54
N GLU D 12 19.04 0.66 4.34
CA GLU D 12 18.71 1.90 5.01
C GLU D 12 18.31 1.62 6.44
N VAL D 13 17.58 0.52 6.64
CA VAL D 13 17.14 0.15 7.98
C VAL D 13 18.26 -0.50 8.82
N ARG D 14 18.97 -1.44 8.22
CA ARG D 14 20.06 -2.12 8.90
C ARG D 14 20.96 -1.07 9.54
N ALA D 15 21.10 0.06 8.85
CA ALA D 15 21.88 1.17 9.36
C ALA D 15 21.33 1.64 10.71
N ILE D 16 20.04 1.95 10.73
CA ILE D 16 19.37 2.42 11.93
C ILE D 16 19.58 1.42 13.07
N LEU D 17 19.39 0.14 12.78
CA LEU D 17 19.56 -0.88 13.79
C LEU D 17 20.99 -0.93 14.36
N LEU D 18 21.98 -0.89 13.47
CA LEU D 18 23.37 -0.83 13.91
C LEU D 18 23.62 0.35 14.83
N SER D 19 23.11 1.53 14.45
CA SER D 19 23.22 2.70 15.30
C SER D 19 22.78 2.33 16.71
N HIS D 20 21.66 1.64 16.77
CA HIS D 20 21.03 1.25 18.03
C HIS D 20 21.35 -0.15 18.50
N ALA D 21 22.30 -0.81 17.84
CA ALA D 21 22.59 -2.21 18.13
C ALA D 21 22.68 -2.46 19.64
N GLN D 22 23.16 -1.46 20.36
CA GLN D 22 23.28 -1.54 21.81
C GLN D 22 21.98 -1.96 22.51
N ASN D 23 21.02 -1.03 22.55
CA ASN D 23 19.77 -1.25 23.27
C ASN D 23 18.58 -1.68 22.43
N GLY D 24 18.76 -1.75 21.11
CA GLY D 24 17.66 -2.05 20.22
C GLY D 24 16.73 -0.88 20.05
N ILE D 25 15.87 -0.94 19.05
CA ILE D 25 15.03 0.21 18.70
C ILE D 25 13.58 -0.18 18.45
N THR D 26 12.70 0.77 18.68
CA THR D 26 11.26 0.53 18.55
C THR D 26 10.83 0.61 17.09
N ILE D 27 9.55 0.43 16.86
CA ILE D 27 8.97 0.64 15.54
C ILE D 27 8.97 2.14 15.23
N SER D 28 8.39 2.90 16.15
CA SER D 28 8.26 4.35 15.98
C SER D 28 9.62 5.03 15.88
N SER D 29 10.52 4.71 16.82
CA SER D 29 11.87 5.28 16.78
C SER D 29 12.48 5.06 15.40
N ILE D 30 12.22 3.89 14.83
CA ILE D 30 12.67 3.59 13.48
C ILE D 30 12.02 4.55 12.47
N LYS D 31 10.70 4.69 12.58
CA LYS D 31 9.98 5.61 11.71
C LYS D 31 10.62 7.00 11.70
N SER D 32 11.02 7.49 12.88
CA SER D 32 11.61 8.82 12.98
C SER D 32 13.04 8.85 12.44
N GLU D 33 13.85 7.92 12.93
CA GLU D 33 15.27 7.89 12.58
C GLU D 33 15.48 7.72 11.08
N TYR D 34 14.50 7.12 10.41
CA TYR D 34 14.53 6.99 8.95
C TYR D 34 14.39 8.36 8.27
N ARG D 35 13.44 9.15 8.76
CA ARG D 35 13.28 10.54 8.35
C ARG D 35 14.55 11.31 8.69
N LYS D 36 15.04 11.07 9.90
CA LYS D 36 16.23 11.75 10.41
C LYS D 36 17.47 11.27 9.66
N LEU D 37 17.28 10.30 8.79
CA LEU D 37 18.40 9.71 8.06
C LEU D 37 18.34 10.02 6.57
N THR D 38 17.36 9.45 5.90
CA THR D 38 17.23 9.62 4.45
C THR D 38 16.58 10.96 4.14
N GLY D 39 15.77 11.45 5.09
CA GLY D 39 14.99 12.66 4.92
C GLY D 39 13.58 12.34 4.47
N ASN D 40 13.40 11.17 3.85
CA ASN D 40 12.08 10.73 3.42
C ASN D 40 11.39 9.85 4.46
N PRO D 41 10.07 10.01 4.61
CA PRO D 41 9.30 9.31 5.65
C PRO D 41 9.37 7.81 5.46
N PHE D 42 9.18 7.08 6.55
CA PHE D 42 9.17 5.62 6.48
C PHE D 42 7.96 5.12 5.68
N PRO D 43 8.23 4.32 4.64
CA PRO D 43 7.27 3.91 3.60
C PRO D 43 6.07 3.08 4.05
N LEU D 44 6.27 2.09 4.91
CA LEU D 44 5.19 1.14 5.23
C LEU D 44 4.32 1.52 6.43
N HIS D 45 3.01 1.55 6.19
CA HIS D 45 2.02 1.78 7.23
C HIS D 45 1.44 0.49 7.79
N ASP D 46 1.72 -0.63 7.14
CA ASP D 46 1.08 -1.91 7.47
C ASP D 46 2.07 -3.02 7.72
N ASN D 47 1.72 -3.93 8.62
CA ASN D 47 2.55 -5.10 8.89
C ASN D 47 4.00 -4.68 9.02
N VAL D 48 4.23 -3.67 9.84
CA VAL D 48 5.56 -3.12 10.04
C VAL D 48 6.52 -4.18 10.57
N THR D 49 6.11 -4.86 11.63
CA THR D 49 6.92 -5.90 12.24
C THR D 49 7.14 -7.00 11.22
N ASP D 50 6.13 -7.25 10.40
CA ASP D 50 6.22 -8.25 9.35
C ASP D 50 7.34 -7.89 8.39
N PHE D 51 7.27 -6.70 7.81
CA PHE D 51 8.30 -6.25 6.88
C PHE D 51 9.70 -6.25 7.48
N LEU D 52 9.83 -5.78 8.72
CA LEU D 52 11.14 -5.71 9.35
C LEU D 52 11.74 -7.10 9.45
N LEU D 53 10.87 -8.10 9.61
CA LEU D 53 11.32 -9.48 9.77
C LEU D 53 11.55 -10.14 8.42
N THR D 54 11.36 -9.37 7.36
CA THR D 54 11.71 -9.76 6.00
C THR D 54 13.20 -9.57 5.74
N ILE D 55 13.72 -8.44 6.21
CA ILE D 55 15.13 -8.12 6.16
C ILE D 55 15.96 -9.12 6.98
N PRO D 56 16.90 -9.81 6.33
CA PRO D 56 17.65 -10.85 7.04
C PRO D 56 18.41 -10.31 8.26
N ASN D 57 18.74 -11.19 9.18
CA ASN D 57 19.51 -10.84 10.38
C ASN D 57 18.74 -10.07 11.45
N VAL D 58 17.57 -9.54 11.06
CA VAL D 58 16.77 -8.75 11.97
C VAL D 58 16.03 -9.61 13.01
N THR D 59 16.26 -9.32 14.29
CA THR D 59 15.61 -10.03 15.39
C THR D 59 14.69 -9.12 16.19
N ALA D 60 13.42 -9.49 16.26
CA ALA D 60 12.43 -8.75 17.01
C ALA D 60 12.16 -9.46 18.32
N GLU D 61 11.82 -8.69 19.35
CA GLU D 61 11.42 -9.28 20.62
C GLU D 61 10.55 -8.32 21.40
N CYS D 62 10.09 -8.76 22.57
CA CYS D 62 9.23 -7.91 23.40
C CYS D 62 9.83 -7.73 24.77
N SER D 63 10.13 -6.47 25.12
CA SER D 63 10.59 -6.17 26.46
C SER D 63 9.38 -6.20 27.41
N GLU D 64 9.62 -5.86 28.67
CA GLU D 64 8.58 -5.92 29.69
C GLU D 64 7.44 -4.95 29.41
N SER D 65 7.69 -3.96 28.57
CA SER D 65 6.76 -2.86 28.35
C SER D 65 5.70 -3.14 27.28
N GLY D 66 5.73 -4.34 26.72
CA GLY D 66 4.80 -4.70 25.64
C GLY D 66 5.22 -4.01 24.36
N LYS D 67 6.21 -3.14 24.47
CA LYS D 67 6.79 -2.46 23.32
C LYS D 67 7.73 -3.39 22.55
N ARG D 68 7.53 -3.46 21.24
CA ARG D 68 8.35 -4.30 20.38
C ARG D 68 9.72 -3.67 20.12
N ILE D 69 10.77 -4.48 20.25
CA ILE D 69 12.15 -4.04 20.12
C ILE D 69 12.84 -4.81 19.00
N PHE D 70 13.47 -4.10 18.08
CA PHE D 70 14.12 -4.77 16.95
C PHE D 70 15.64 -4.60 17.00
N ASN D 71 16.34 -5.52 16.36
CA ASN D 71 17.80 -5.54 16.41
C ASN D 71 18.43 -6.39 15.31
N LEU D 72 19.73 -6.61 15.40
CA LEU D 72 20.49 -7.42 14.44
C LEU D 72 21.23 -8.54 15.17
N LYS D 73 21.73 -9.51 14.41
CA LYS D 73 22.57 -10.57 14.98
C LYS D 73 23.95 -10.61 14.31
N GLU E 5 8.13 30.13 -1.10
CA GLU E 5 8.95 31.27 -1.49
C GLU E 5 8.56 31.78 -2.87
N TYR E 6 7.52 31.21 -3.44
CA TYR E 6 7.01 31.68 -4.72
C TYR E 6 5.98 32.77 -4.49
N PRO E 7 6.37 34.02 -4.80
CA PRO E 7 5.60 35.24 -4.47
C PRO E 7 4.23 35.31 -5.14
N ASP E 8 4.19 35.03 -6.43
CA ASP E 8 2.97 35.21 -7.22
C ASP E 8 2.16 33.93 -7.41
N ILE E 9 2.67 32.82 -6.89
CA ILE E 9 2.03 31.53 -7.12
C ILE E 9 0.53 31.60 -6.84
N ASP E 10 0.19 32.32 -5.76
CA ASP E 10 -1.19 32.57 -5.40
C ASP E 10 -1.90 33.16 -6.59
N SER E 11 -1.53 34.41 -6.90
CA SER E 11 -2.18 35.19 -7.95
C SER E 11 -2.34 34.44 -9.26
N GLU E 12 -1.32 33.67 -9.65
CA GLU E 12 -1.36 32.85 -10.85
C GLU E 12 -2.37 31.71 -10.78
N VAL E 13 -2.30 30.91 -9.71
CA VAL E 13 -3.28 29.84 -9.49
C VAL E 13 -4.72 30.38 -9.46
N ARG E 14 -4.91 31.46 -8.72
CA ARG E 14 -6.21 32.10 -8.61
C ARG E 14 -6.71 32.55 -9.97
N ALA E 15 -5.81 33.10 -10.79
CA ALA E 15 -6.16 33.52 -12.14
C ALA E 15 -6.66 32.35 -12.98
N ILE E 16 -5.86 31.28 -13.00
CA ILE E 16 -6.27 30.07 -13.71
C ILE E 16 -7.66 29.65 -13.29
N LEU E 17 -7.88 29.56 -11.98
CA LEU E 17 -9.18 29.14 -11.47
C LEU E 17 -10.32 30.06 -11.90
N LEU E 18 -10.12 31.36 -11.71
CA LEU E 18 -11.10 32.36 -12.12
C LEU E 18 -11.51 32.13 -13.57
N SER E 19 -10.51 31.93 -14.43
CA SER E 19 -10.76 31.66 -15.84
C SER E 19 -11.57 30.38 -16.03
N HIS E 20 -11.30 29.39 -15.19
CA HIS E 20 -12.03 28.11 -15.23
C HIS E 20 -13.19 28.00 -14.24
N ALA E 21 -13.51 29.10 -13.56
CA ALA E 21 -14.51 29.09 -12.51
C ALA E 21 -15.91 28.66 -12.96
N GLN E 22 -16.13 28.61 -14.28
CA GLN E 22 -17.41 28.16 -14.83
C GLN E 22 -17.64 26.68 -14.56
N ASN E 23 -16.68 25.87 -15.00
CA ASN E 23 -16.75 24.41 -14.89
C ASN E 23 -16.05 23.88 -13.63
N GLY E 24 -14.77 24.20 -13.51
CA GLY E 24 -13.91 23.64 -12.48
C GLY E 24 -12.88 22.75 -13.13
N ILE E 25 -11.72 22.60 -12.48
CA ILE E 25 -10.54 22.15 -13.20
C ILE E 25 -9.69 21.09 -12.45
N THR E 26 -9.02 20.24 -13.22
CA THR E 26 -8.11 19.23 -12.68
C THR E 26 -6.85 19.87 -12.12
N ILE E 27 -5.95 19.04 -11.56
CA ILE E 27 -4.64 19.50 -11.13
C ILE E 27 -3.60 19.53 -12.24
N SER E 28 -3.58 18.51 -13.10
CA SER E 28 -2.61 18.52 -14.20
C SER E 28 -2.99 19.57 -15.25
N SER E 29 -4.29 19.84 -15.30
CA SER E 29 -4.88 20.89 -16.11
C SER E 29 -4.32 22.24 -15.65
N ILE E 30 -4.47 22.51 -14.35
CA ILE E 30 -3.89 23.69 -13.74
C ILE E 30 -2.40 23.75 -14.04
N LYS E 31 -1.69 22.68 -13.68
CA LYS E 31 -0.26 22.64 -13.88
C LYS E 31 0.12 23.06 -15.31
N SER E 32 -0.63 22.57 -16.28
CA SER E 32 -0.29 22.84 -17.68
C SER E 32 -0.71 24.24 -18.12
N GLU E 33 -1.67 24.83 -17.41
CA GLU E 33 -2.07 26.22 -17.64
C GLU E 33 -1.12 27.21 -16.97
N TYR E 34 -0.42 26.77 -15.93
CA TYR E 34 0.63 27.57 -15.31
C TYR E 34 1.86 27.46 -16.18
N ARG E 35 2.06 26.27 -16.74
CA ARG E 35 3.15 26.05 -17.69
C ARG E 35 2.97 26.93 -18.93
N LYS E 36 1.73 27.02 -19.40
CA LYS E 36 1.42 27.80 -20.60
C LYS E 36 1.37 29.30 -20.31
N LEU E 37 0.79 29.67 -19.17
CA LEU E 37 0.69 31.05 -18.73
C LEU E 37 2.07 31.72 -18.58
N THR E 38 2.82 31.25 -17.60
CA THR E 38 4.08 31.88 -17.22
C THR E 38 5.28 31.32 -17.99
N GLY E 39 5.01 30.41 -18.92
CA GLY E 39 6.07 29.72 -19.63
C GLY E 39 6.99 28.97 -18.69
N ASN E 40 6.45 28.55 -17.54
CA ASN E 40 7.25 27.89 -16.50
C ASN E 40 6.49 26.73 -15.83
N PRO E 41 7.23 25.72 -15.34
CA PRO E 41 6.68 24.56 -14.63
C PRO E 41 6.09 24.89 -13.26
N PHE E 42 5.04 24.19 -12.88
CA PHE E 42 4.41 24.43 -11.59
C PHE E 42 5.35 24.07 -10.45
N PRO E 43 5.74 25.08 -9.66
CA PRO E 43 6.75 24.95 -8.59
C PRO E 43 6.45 23.87 -7.58
N LEU E 44 5.18 23.53 -7.38
CA LEU E 44 4.83 22.51 -6.39
C LEU E 44 4.59 21.13 -7.02
N HIS E 45 5.01 20.10 -6.30
CA HIS E 45 4.98 18.74 -6.84
C HIS E 45 4.08 17.81 -6.02
N ASP E 46 4.42 17.62 -4.75
CA ASP E 46 3.63 16.78 -3.85
C ASP E 46 2.63 17.58 -3.02
N ASN E 47 1.45 17.00 -2.79
CA ASN E 47 0.42 17.57 -1.92
C ASN E 47 -0.17 18.89 -2.40
N VAL E 48 -0.19 19.10 -3.71
CA VAL E 48 -0.79 20.29 -4.32
C VAL E 48 -2.25 20.45 -3.88
N THR E 49 -2.87 19.31 -3.59
CA THR E 49 -4.27 19.25 -3.19
C THR E 49 -4.53 20.06 -1.93
N ASP E 50 -3.56 20.08 -1.02
CA ASP E 50 -3.68 20.86 0.20
C ASP E 50 -3.36 22.34 -0.02
N PHE E 51 -2.32 22.61 -0.81
CA PHE E 51 -2.00 23.97 -1.18
C PHE E 51 -3.26 24.65 -1.69
N LEU E 52 -3.92 24.00 -2.65
CA LEU E 52 -5.09 24.59 -3.30
C LEU E 52 -6.20 24.98 -2.32
N LEU E 53 -6.31 24.23 -1.23
CA LEU E 53 -7.33 24.50 -0.22
C LEU E 53 -6.83 25.54 0.78
N THR E 54 -5.52 25.78 0.78
CA THR E 54 -4.94 26.89 1.54
C THR E 54 -5.49 28.20 0.97
N ILE E 55 -5.95 28.13 -0.27
CA ILE E 55 -6.43 29.29 -1.00
C ILE E 55 -7.93 29.53 -0.77
N PRO E 56 -8.27 30.68 -0.15
CA PRO E 56 -9.64 31.09 0.21
C PRO E 56 -10.64 31.04 -0.94
N ASN E 57 -11.85 30.54 -0.64
CA ASN E 57 -12.97 30.43 -1.60
C ASN E 57 -12.83 29.26 -2.57
N VAL E 58 -11.71 28.57 -2.53
CA VAL E 58 -11.49 27.42 -3.41
C VAL E 58 -12.09 26.14 -2.83
N THR E 59 -12.67 25.34 -3.72
CA THR E 59 -13.39 24.13 -3.35
C THR E 59 -12.91 22.92 -4.17
N ALA E 60 -12.70 21.80 -3.50
CA ALA E 60 -12.38 20.54 -4.18
C ALA E 60 -13.60 19.63 -4.18
N GLU E 61 -13.75 18.89 -5.27
CA GLU E 61 -14.88 17.99 -5.42
C GLU E 61 -14.48 16.70 -6.13
N CYS E 62 -14.85 15.58 -5.55
CA CYS E 62 -14.62 14.31 -6.20
C CYS E 62 -15.86 13.93 -7.00
N SER E 63 -15.74 13.93 -8.33
CA SER E 63 -16.82 13.46 -9.18
C SER E 63 -16.90 11.94 -9.06
N GLU E 64 -18.10 11.39 -9.20
CA GLU E 64 -18.32 9.96 -8.98
C GLU E 64 -17.36 9.10 -9.80
N SER E 65 -16.83 9.70 -10.86
CA SER E 65 -15.82 9.05 -11.69
C SER E 65 -14.48 8.96 -10.95
N GLY E 66 -14.43 9.60 -9.78
CA GLY E 66 -13.21 9.61 -8.98
C GLY E 66 -12.32 10.78 -9.37
N LYS E 67 -12.85 11.63 -10.25
CA LYS E 67 -12.11 12.77 -10.76
C LYS E 67 -12.12 13.95 -9.79
N ARG E 68 -10.93 14.35 -9.35
CA ARG E 68 -10.79 15.43 -8.37
C ARG E 68 -10.68 16.77 -9.09
N ILE E 69 -11.66 17.63 -8.83
CA ILE E 69 -11.92 18.84 -9.61
C ILE E 69 -12.03 20.06 -8.70
N PHE E 70 -11.27 21.10 -9.02
CA PHE E 70 -11.20 22.32 -8.19
C PHE E 70 -11.93 23.52 -8.81
N ASN E 71 -12.46 24.38 -7.95
CA ASN E 71 -13.30 25.48 -8.39
C ASN E 71 -13.47 26.55 -7.30
N LEU E 72 -14.38 27.49 -7.51
CA LEU E 72 -14.63 28.53 -6.51
C LEU E 72 -16.04 28.43 -5.92
N LYS E 73 -16.21 28.93 -4.69
CA LYS E 73 -17.52 28.98 -4.07
C LYS E 73 -18.46 29.94 -4.79
N ALA E 74 -19.69 29.50 -5.02
CA ALA E 74 -20.74 30.38 -5.56
C ALA E 74 -21.04 31.52 -4.60
N GLY F 1 -5.26 -1.83 -2.08
CA GLY F 1 -6.05 -0.64 -1.82
C GLY F 1 -5.92 -0.16 -0.40
N SER F 2 -6.30 1.10 -0.16
CA SER F 2 -6.29 1.68 1.17
C SER F 2 -7.62 1.44 1.86
N ARG F 3 -8.54 0.87 1.10
CA ARG F 3 -9.84 0.43 1.62
C ARG F 3 -9.75 -1.06 1.98
N GLU F 4 -8.54 -1.61 1.90
CA GLU F 4 -8.30 -3.03 2.16
C GLU F 4 -8.82 -3.50 3.52
N GLU F 5 -8.23 -2.98 4.59
CA GLU F 5 -8.58 -3.43 5.94
C GLU F 5 -9.98 -3.00 6.39
N TYR F 6 -10.46 -1.90 5.82
CA TYR F 6 -11.77 -1.36 6.20
C TYR F 6 -12.70 -1.33 5.01
N PRO F 7 -13.33 -2.47 4.72
CA PRO F 7 -14.12 -2.70 3.51
C PRO F 7 -15.23 -1.66 3.36
N ASP F 8 -15.82 -1.25 4.47
CA ASP F 8 -16.99 -0.39 4.44
C ASP F 8 -16.64 1.09 4.56
N ILE F 9 -15.36 1.38 4.63
CA ILE F 9 -14.87 2.73 4.94
C ILE F 9 -15.62 3.83 4.18
N ASP F 10 -15.82 3.61 2.87
CA ASP F 10 -16.53 4.58 2.03
C ASP F 10 -17.93 4.94 2.57
N SER F 11 -18.73 3.93 2.90
CA SER F 11 -20.12 4.17 3.31
C SER F 11 -20.21 4.64 4.77
N GLU F 12 -19.27 4.19 5.60
CA GLU F 12 -19.21 4.67 6.98
C GLU F 12 -18.94 6.18 6.97
N VAL F 13 -17.94 6.58 6.17
CA VAL F 13 -17.66 8.01 6.01
C VAL F 13 -18.86 8.73 5.40
N ARG F 14 -19.40 8.18 4.32
CA ARG F 14 -20.57 8.75 3.67
C ARG F 14 -21.66 9.07 4.69
N ALA F 15 -21.89 8.13 5.61
CA ALA F 15 -22.89 8.29 6.66
C ALA F 15 -22.51 9.43 7.59
N ILE F 16 -21.26 9.42 8.04
CA ILE F 16 -20.76 10.51 8.86
C ILE F 16 -21.11 11.85 8.22
N LEU F 17 -20.82 11.96 6.93
CA LEU F 17 -21.07 13.18 6.18
C LEU F 17 -22.56 13.54 6.12
N LEU F 18 -23.39 12.58 5.76
CA LEU F 18 -24.84 12.80 5.71
C LEU F 18 -25.37 13.40 7.00
N SER F 19 -24.94 12.84 8.13
CA SER F 19 -25.40 13.34 9.42
C SER F 19 -25.23 14.85 9.48
N HIS F 20 -24.03 15.29 9.15
CA HIS F 20 -23.61 16.68 9.29
C HIS F 20 -23.79 17.50 8.01
N ALA F 21 -24.45 16.93 7.01
CA ALA F 21 -24.50 17.53 5.68
C ALA F 21 -25.04 18.95 5.74
N GLN F 22 -25.59 19.32 6.89
CA GLN F 22 -26.06 20.68 7.10
C GLN F 22 -24.94 21.69 6.84
N ASN F 23 -23.98 21.76 7.76
CA ASN F 23 -22.86 22.68 7.65
C ASN F 23 -21.56 22.07 7.15
N GLY F 24 -21.54 20.75 6.96
CA GLY F 24 -20.30 20.05 6.68
C GLY F 24 -19.48 19.87 7.94
N ILE F 25 -18.40 19.09 7.87
CA ILE F 25 -17.69 18.65 9.07
C ILE F 25 -16.16 18.65 8.95
N THR F 26 -15.50 18.85 10.10
CA THR F 26 -14.05 18.86 10.21
C THR F 26 -13.47 17.46 10.08
N ILE F 27 -12.17 17.38 9.82
CA ILE F 27 -11.46 16.10 9.84
C ILE F 27 -11.51 15.45 11.22
N SER F 28 -11.03 16.16 12.23
CA SER F 28 -11.04 15.64 13.60
C SER F 28 -12.46 15.24 13.99
N SER F 29 -13.40 16.15 13.70
CA SER F 29 -14.81 15.90 13.95
C SER F 29 -15.24 14.60 13.28
N ILE F 30 -14.81 14.40 12.03
CA ILE F 30 -15.04 13.15 11.32
C ILE F 30 -14.56 11.96 12.14
N LYS F 31 -13.33 12.03 12.65
CA LYS F 31 -12.74 10.92 13.39
C LYS F 31 -13.49 10.60 14.69
N SER F 32 -13.89 11.62 15.44
CA SER F 32 -14.66 11.39 16.65
C SER F 32 -16.04 10.82 16.31
N GLU F 33 -16.55 11.19 15.14
CA GLU F 33 -17.79 10.60 14.67
C GLU F 33 -17.58 9.14 14.26
N TYR F 34 -16.33 8.80 13.95
CA TYR F 34 -15.98 7.42 13.64
C TYR F 34 -15.97 6.62 14.92
N ARG F 35 -15.32 7.18 15.94
CA ARG F 35 -15.30 6.55 17.24
C ARG F 35 -16.73 6.30 17.70
N LYS F 36 -17.60 7.29 17.47
CA LYS F 36 -18.98 7.16 17.89
C LYS F 36 -19.73 6.11 17.08
N LEU F 37 -19.53 6.11 15.77
CA LEU F 37 -20.28 5.23 14.87
C LEU F 37 -19.80 3.77 14.89
N THR F 38 -18.54 3.57 14.51
CA THR F 38 -17.96 2.23 14.39
C THR F 38 -17.45 1.67 15.73
N GLY F 39 -17.28 2.54 16.72
CA GLY F 39 -16.71 2.15 17.99
C GLY F 39 -15.23 1.83 17.87
N ASN F 40 -14.72 1.90 16.64
CA ASN F 40 -13.32 1.61 16.34
C ASN F 40 -12.59 2.83 15.78
N PRO F 41 -11.27 2.88 15.93
CA PRO F 41 -10.45 4.02 15.54
C PRO F 41 -10.46 4.29 14.04
N PHE F 42 -10.40 5.57 13.67
CA PHE F 42 -10.30 5.96 12.27
C PHE F 42 -8.94 5.54 11.71
N PRO F 43 -8.96 4.67 10.69
CA PRO F 43 -7.78 3.99 10.12
C PRO F 43 -6.64 4.90 9.66
N LEU F 44 -6.94 5.97 8.94
CA LEU F 44 -5.89 6.75 8.30
C LEU F 44 -5.22 7.79 9.20
N HIS F 45 -3.89 7.72 9.25
CA HIS F 45 -3.07 8.65 10.03
C HIS F 45 -2.88 10.01 9.33
N ASP F 46 -2.48 9.97 8.06
CA ASP F 46 -2.16 11.17 7.31
C ASP F 46 -2.74 11.11 5.90
N ASN F 47 -2.70 12.24 5.19
CA ASN F 47 -3.35 12.35 3.90
C ASN F 47 -4.81 11.95 4.03
N VAL F 48 -5.44 12.41 5.09
CA VAL F 48 -6.87 12.18 5.29
C VAL F 48 -7.63 12.90 4.21
N THR F 49 -7.21 14.13 3.92
CA THR F 49 -7.83 14.95 2.91
C THR F 49 -7.72 14.32 1.52
N ASP F 50 -6.55 13.75 1.21
CA ASP F 50 -6.36 13.11 -0.08
C ASP F 50 -7.27 11.89 -0.23
N PHE F 51 -7.53 11.22 0.88
CA PHE F 51 -8.36 10.02 0.86
C PHE F 51 -9.84 10.35 0.76
N LEU F 52 -10.25 11.35 1.53
CA LEU F 52 -11.67 11.73 1.58
C LEU F 52 -12.17 12.16 0.20
N LEU F 53 -11.26 12.72 -0.59
CA LEU F 53 -11.58 13.17 -1.94
C LEU F 53 -11.53 12.01 -2.94
N THR F 54 -11.13 10.84 -2.45
CA THR F 54 -11.21 9.62 -3.26
C THR F 54 -12.61 9.08 -3.23
N ILE F 55 -13.25 9.13 -2.06
CA ILE F 55 -14.65 8.75 -1.94
C ILE F 55 -15.49 9.64 -2.86
N PRO F 56 -16.13 9.03 -3.87
CA PRO F 56 -16.93 9.81 -4.82
C PRO F 56 -17.96 10.69 -4.12
N ASN F 57 -18.29 11.83 -4.73
CA ASN F 57 -19.29 12.76 -4.20
C ASN F 57 -18.83 13.61 -3.01
N VAL F 58 -17.70 13.25 -2.43
CA VAL F 58 -17.15 14.02 -1.33
C VAL F 58 -16.51 15.33 -1.81
N THR F 59 -16.86 16.41 -1.13
CA THR F 59 -16.38 17.75 -1.43
C THR F 59 -15.73 18.35 -0.19
N ALA F 60 -14.90 19.37 -0.38
CA ALA F 60 -14.27 20.04 0.74
C ALA F 60 -14.03 21.51 0.40
N GLU F 61 -14.21 22.37 1.40
CA GLU F 61 -13.99 23.81 1.21
C GLU F 61 -13.34 24.40 2.44
N CYS F 62 -13.18 25.73 2.44
CA CYS F 62 -12.61 26.41 3.59
C CYS F 62 -13.52 27.53 4.07
N SER F 63 -14.04 27.39 5.28
CA SER F 63 -14.78 28.48 5.91
C SER F 63 -13.76 29.59 6.10
N GLU F 64 -14.23 30.84 6.20
CA GLU F 64 -13.33 31.99 6.22
C GLU F 64 -12.30 31.92 7.36
N SER F 65 -12.56 31.07 8.35
CA SER F 65 -11.68 30.94 9.51
C SER F 65 -10.52 29.97 9.29
N GLY F 66 -10.43 29.40 8.10
CA GLY F 66 -9.41 28.41 7.79
C GLY F 66 -9.96 27.02 8.03
N LYS F 67 -11.18 26.97 8.53
CA LYS F 67 -11.87 25.71 8.79
C LYS F 67 -12.00 24.87 7.53
N ARG F 68 -11.55 23.62 7.60
CA ARG F 68 -11.66 22.73 6.46
C ARG F 68 -12.93 21.89 6.57
N ILE F 69 -13.87 22.18 5.67
CA ILE F 69 -15.23 21.63 5.73
C ILE F 69 -15.47 20.57 4.67
N PHE F 70 -15.61 19.32 5.11
CA PHE F 70 -15.93 18.22 4.21
C PHE F 70 -17.43 17.98 4.21
N ASN F 71 -17.95 17.60 3.05
CA ASN F 71 -19.37 17.36 2.86
C ASN F 71 -19.59 16.58 1.58
N LEU F 72 -20.82 16.47 1.11
CA LEU F 72 -21.08 15.91 -0.21
C LEU F 72 -22.14 16.67 -1.01
N LYS F 73 -22.25 16.33 -2.30
CA LYS F 73 -23.20 16.97 -3.19
C LYS F 73 -24.34 16.01 -3.56
#